data_6IUX
#
_entry.id   6IUX
#
_cell.length_a   45.680
_cell.length_b   52.919
_cell.length_c   141.240
_cell.angle_alpha   90.00
_cell.angle_beta   90.00
_cell.angle_gamma   90.00
#
_symmetry.space_group_name_H-M   'P 21 21 21'
#
loop_
_entity.id
_entity.type
_entity.pdbx_description
1 polymer '[Protein ADP-ribosylarginine] hydrolase'
2 non-polymer 'MAGNESIUM ION'
3 non-polymer '[(2R,3S,4R,5R)-5-(6-AMINOPURIN-9-YL)-3,4-DIHYDROXY-OXOLAN-2-YL]METHYL [HYDROXY-[[(2R,3S,4R,5S)-3,4,5-TRIHYDROXYOXOLAN-2-YL]METHOXY]PHOSPHORYL] HYDROGEN PHOSPHATE'
4 water water
#
_entity_poly.entity_id   1
_entity_poly.type   'polypeptide(L)'
_entity_poly.pdbx_seq_one_letter_code
;MGSSHHHHHHSQDLEVLFQGPGSEKYVAAMVLSAAGDALGYYNGKWEFLQDGEKIHRQLAQLGGLDALDVGRWRVSDDTV
MHLATAEALVEAGKAPKLTQLYYLLAKHYQDCMEDMDGRAPGGASVHNAMQLKPGKPNGWRIPFNSHEGGCGAAMRAMCI
GLRFPHHSQLDTLIQVSIESGRMTHHHPTGYLGALASALFTAYAVNSRPPLQWGKGLMELLPEAKKYIVQSGYFVEENLQ
HWSYFQTKWENYLKLRGILDGESAPTFPESFGVKERDQFYTSLSYSGWGGSSGHDAPMIAYDAVLAAGDSWKELAHRAFF
HGGDSDSTAAIAGCWWGVMYGFKGVSPSNYEKLEYRNRLEETARALYSLGSKEDTVISL
;
_entity_poly.pdbx_strand_id   A
#
# COMPACT_ATOMS: atom_id res chain seq x y z
N GLY A 22 -3.10 6.01 -19.14
CA GLY A 22 -3.40 7.44 -19.14
C GLY A 22 -2.93 8.20 -17.92
N SER A 23 -2.49 9.44 -18.15
CA SER A 23 -1.98 10.28 -17.06
C SER A 23 -3.04 10.52 -16.00
N GLU A 24 -4.30 10.70 -16.41
CA GLU A 24 -5.34 11.01 -15.42
C GLU A 24 -5.54 9.87 -14.43
N LYS A 25 -5.31 8.62 -14.85
CA LYS A 25 -5.42 7.50 -13.92
C LYS A 25 -4.29 7.51 -12.89
N TYR A 26 -3.09 7.93 -13.29
CA TYR A 26 -2.00 8.06 -12.32
C TYR A 26 -2.31 9.15 -11.32
N VAL A 27 -2.88 10.26 -11.79
CA VAL A 27 -3.28 11.34 -10.88
C VAL A 27 -4.32 10.83 -9.89
N ALA A 28 -5.33 10.11 -10.39
CA ALA A 28 -6.34 9.55 -9.49
C ALA A 28 -5.71 8.57 -8.50
N ALA A 29 -4.74 7.77 -8.95
CA ALA A 29 -4.11 6.83 -8.04
C ALA A 29 -3.46 7.54 -6.85
N MET A 30 -2.70 8.60 -7.13
CA MET A 30 -2.03 9.31 -6.04
C MET A 30 -3.01 10.11 -5.19
N VAL A 31 -3.94 10.81 -5.84
CA VAL A 31 -4.87 11.67 -5.10
C VAL A 31 -5.86 10.84 -4.30
N LEU A 32 -6.40 9.76 -4.89
CA LEU A 32 -7.41 8.99 -4.18
C LEU A 32 -6.80 8.08 -3.13
N SER A 33 -5.54 7.69 -3.26
CA SER A 33 -4.84 7.04 -2.15
C SER A 33 -4.80 7.97 -0.94
N ALA A 34 -4.45 9.24 -1.19
CA ALA A 34 -4.40 10.22 -0.11
C ALA A 34 -5.78 10.56 0.42
N ALA A 35 -6.79 10.63 -0.46
CA ALA A 35 -8.15 10.86 0.01
C ALA A 35 -8.60 9.71 0.88
N GLY A 36 -8.34 8.47 0.47
CA GLY A 36 -8.66 7.33 1.31
C GLY A 36 -7.99 7.40 2.66
N ASP A 37 -6.69 7.68 2.68
CA ASP A 37 -5.96 7.86 3.92
C ASP A 37 -6.65 8.87 4.82
N ALA A 38 -6.93 10.06 4.28
CA ALA A 38 -7.55 11.11 5.09
C ALA A 38 -8.93 10.70 5.60
N LEU A 39 -9.71 10.03 4.75
CA LEU A 39 -11.05 9.60 5.13
C LEU A 39 -11.02 8.50 6.19
N GLY A 40 -10.09 7.55 6.07
CA GLY A 40 -9.97 6.49 7.05
C GLY A 40 -9.26 6.90 8.32
N TYR A 41 -8.60 8.06 8.31
CA TYR A 41 -7.96 8.64 9.48
C TYR A 41 -8.92 9.51 10.31
N TYR A 42 -9.62 10.47 9.65
CA TYR A 42 -10.44 11.56 10.27
C TYR A 42 -9.73 12.29 11.41
N ASN A 43 -8.54 12.79 11.11
CA ASN A 43 -7.69 13.44 12.11
C ASN A 43 -7.49 12.55 13.33
N GLY A 44 -7.47 11.24 13.12
CA GLY A 44 -7.30 10.27 14.18
C GLY A 44 -8.57 9.73 14.79
N LYS A 45 -9.70 10.40 14.60
CA LYS A 45 -10.92 10.00 15.28
C LYS A 45 -11.42 8.65 14.78
N TRP A 46 -11.35 8.41 13.48
CA TRP A 46 -11.85 7.14 12.98
C TRP A 46 -10.78 6.05 12.97
N GLU A 47 -9.49 6.39 12.77
N GLU A 47 -9.52 6.43 12.78
CA GLU A 47 -8.47 5.35 12.78
CA GLU A 47 -8.43 5.46 12.80
C GLU A 47 -8.50 4.58 14.10
C GLU A 47 -8.45 4.63 14.08
N PHE A 48 -8.69 5.28 15.22
CA PHE A 48 -8.56 4.68 16.53
C PHE A 48 -9.89 4.29 17.15
N LEU A 49 -10.97 4.36 16.40
CA LEU A 49 -12.27 3.84 16.82
C LEU A 49 -12.37 2.38 16.37
N GLN A 50 -12.52 1.47 17.31
CA GLN A 50 -12.50 0.04 17.00
C GLN A 50 -13.86 -0.52 16.60
N ASP A 51 -14.88 0.32 16.50
CA ASP A 51 -16.26 -0.09 16.24
C ASP A 51 -16.68 0.43 14.87
N GLY A 52 -16.64 -0.45 13.87
CA GLY A 52 -17.03 -0.06 12.52
C GLY A 52 -18.46 0.45 12.45
N GLU A 53 -19.37 -0.15 13.23
CA GLU A 53 -20.77 0.30 13.20
C GLU A 53 -20.87 1.74 13.67
N LYS A 54 -20.10 2.11 14.70
CA LYS A 54 -20.10 3.49 15.17
C LYS A 54 -19.53 4.45 14.12
N ILE A 55 -18.44 4.05 13.46
CA ILE A 55 -17.91 4.86 12.36
C ILE A 55 -18.97 5.10 11.31
N HIS A 56 -19.69 4.04 10.91
CA HIS A 56 -20.72 4.19 9.89
C HIS A 56 -21.87 5.07 10.37
N ARG A 57 -22.20 5.02 11.66
CA ARG A 57 -23.23 5.92 12.18
C ARG A 57 -22.78 7.37 12.10
N GLN A 58 -21.53 7.64 12.48
CA GLN A 58 -20.99 8.99 12.41
C GLN A 58 -20.89 9.48 10.97
N LEU A 59 -20.52 8.59 10.04
CA LEU A 59 -20.51 8.94 8.63
C LEU A 59 -21.88 9.39 8.15
N ALA A 60 -22.94 8.66 8.54
CA ALA A 60 -24.29 9.05 8.16
C ALA A 60 -24.65 10.41 8.75
N GLN A 61 -24.26 10.65 10.00
CA GLN A 61 -24.54 11.93 10.64
C GLN A 61 -23.86 13.09 9.95
N LEU A 62 -22.67 12.87 9.38
CA LEU A 62 -21.98 13.90 8.61
C LEU A 62 -22.62 14.15 7.26
N GLY A 63 -23.57 13.31 6.83
CA GLY A 63 -24.24 13.45 5.55
C GLY A 63 -23.90 12.37 4.55
N GLY A 64 -23.09 11.38 4.93
CA GLY A 64 -22.68 10.34 4.01
C GLY A 64 -21.42 10.74 3.26
N LEU A 65 -20.85 9.75 2.57
CA LEU A 65 -19.54 9.95 1.95
C LEU A 65 -19.54 11.08 0.94
N ASP A 66 -20.59 11.19 0.13
CA ASP A 66 -20.60 12.22 -0.91
C ASP A 66 -20.61 13.64 -0.32
N ALA A 67 -21.02 13.78 0.93
CA ALA A 67 -21.06 15.08 1.61
C ALA A 67 -19.80 15.40 2.39
N LEU A 68 -18.84 14.48 2.45
CA LEU A 68 -17.63 14.74 3.22
C LEU A 68 -16.69 15.63 2.43
N ASP A 69 -16.23 16.71 3.06
CA ASP A 69 -15.26 17.61 2.47
C ASP A 69 -13.96 17.43 3.23
N VAL A 70 -12.91 17.05 2.52
CA VAL A 70 -11.66 16.69 3.17
C VAL A 70 -10.76 17.88 3.46
N GLY A 71 -11.25 19.11 3.26
CA GLY A 71 -10.41 20.28 3.43
C GLY A 71 -9.71 20.36 4.78
N ARG A 72 -10.39 19.90 5.84
CA ARG A 72 -9.83 19.93 7.19
C ARG A 72 -9.40 18.56 7.67
N TRP A 73 -9.42 17.54 6.81
CA TRP A 73 -9.10 16.16 7.17
C TRP A 73 -7.66 15.91 6.72
N ARG A 74 -6.73 15.98 7.65
CA ARG A 74 -5.33 15.84 7.28
C ARG A 74 -5.00 14.42 6.85
N VAL A 75 -4.05 14.31 5.93
CA VAL A 75 -3.53 12.97 5.59
C VAL A 75 -2.70 12.46 6.76
N SER A 76 -2.49 11.15 6.81
CA SER A 76 -1.70 10.58 7.87
C SER A 76 -0.27 10.32 7.39
N ASP A 77 0.49 9.62 8.22
CA ASP A 77 1.82 9.20 7.82
C ASP A 77 1.81 8.33 6.58
N ASP A 78 0.72 7.63 6.29
CA ASP A 78 0.67 6.80 5.09
C ASP A 78 0.94 7.63 3.84
N THR A 79 0.23 8.74 3.68
CA THR A 79 0.41 9.59 2.51
C THR A 79 1.78 10.27 2.52
N VAL A 80 2.23 10.73 3.69
CA VAL A 80 3.54 11.35 3.77
C VAL A 80 4.62 10.38 3.27
N MET A 81 4.56 9.12 3.71
CA MET A 81 5.53 8.13 3.24
C MET A 81 5.32 7.75 1.78
N HIS A 82 4.08 7.61 1.33
CA HIS A 82 3.85 7.26 -0.06
C HIS A 82 4.41 8.33 -0.97
N LEU A 83 4.19 9.60 -0.61
CA LEU A 83 4.77 10.70 -1.39
C LEU A 83 6.29 10.68 -1.36
N ALA A 84 6.87 10.29 -0.22
CA ALA A 84 8.32 10.15 -0.14
C ALA A 84 8.82 9.09 -1.13
N THR A 85 8.14 7.94 -1.20
CA THR A 85 8.53 6.92 -2.18
C THR A 85 8.41 7.47 -3.59
N ALA A 86 7.28 8.09 -3.90
CA ALA A 86 7.03 8.60 -5.24
C ALA A 86 8.04 9.65 -5.65
N GLU A 87 8.37 10.57 -4.74
CA GLU A 87 9.34 11.62 -5.06
C GLU A 87 10.72 11.04 -5.31
N ALA A 88 11.13 10.05 -4.53
CA ALA A 88 12.40 9.39 -4.76
C ALA A 88 12.44 8.73 -6.14
N LEU A 89 11.34 8.07 -6.53
CA LEU A 89 11.27 7.43 -7.84
C LEU A 89 11.37 8.47 -8.95
N VAL A 90 10.68 9.60 -8.79
CA VAL A 90 10.77 10.66 -9.81
C VAL A 90 12.20 11.20 -9.89
N GLU A 91 12.82 11.47 -8.74
CA GLU A 91 14.17 12.05 -8.74
C GLU A 91 15.21 11.09 -9.31
N ALA A 92 14.98 9.79 -9.22
CA ALA A 92 15.94 8.83 -9.76
C ALA A 92 15.95 8.84 -11.29
N GLY A 93 14.85 9.25 -11.91
CA GLY A 93 14.82 9.50 -13.33
C GLY A 93 14.72 8.25 -14.19
N LYS A 94 15.00 8.46 -15.47
CA LYS A 94 14.92 7.41 -16.47
C LYS A 94 16.13 6.49 -16.38
N ALA A 95 15.92 5.21 -16.67
CA ALA A 95 16.96 4.17 -16.64
C ALA A 95 17.83 4.33 -15.40
N PRO A 96 17.23 4.30 -14.21
CA PRO A 96 17.97 4.66 -13.00
C PRO A 96 18.90 3.55 -12.55
N LYS A 97 19.89 3.95 -11.75
CA LYS A 97 20.74 3.03 -11.04
C LYS A 97 20.11 2.78 -9.67
N LEU A 98 19.99 1.51 -9.30
CA LEU A 98 19.39 1.21 -8.02
C LEU A 98 20.16 1.79 -6.84
N THR A 99 21.50 1.88 -6.93
CA THR A 99 22.24 2.52 -5.84
C THR A 99 21.78 3.94 -5.62
N GLN A 100 21.52 4.67 -6.70
CA GLN A 100 21.04 6.04 -6.58
C GLN A 100 19.61 6.06 -6.05
N LEU A 101 18.76 5.17 -6.57
CA LEU A 101 17.37 5.13 -6.11
C LEU A 101 17.30 4.84 -4.62
N TYR A 102 18.11 3.90 -4.13
CA TYR A 102 18.05 3.56 -2.71
C TYR A 102 18.58 4.69 -1.83
N TYR A 103 19.60 5.42 -2.28
CA TYR A 103 20.01 6.63 -1.58
C TYR A 103 18.85 7.60 -1.46
N LEU A 104 18.16 7.86 -2.57
CA LEU A 104 17.05 8.80 -2.58
C LEU A 104 15.90 8.32 -1.70
N LEU A 105 15.58 7.02 -1.75
CA LEU A 105 14.50 6.49 -0.91
C LEU A 105 14.84 6.65 0.56
N ALA A 106 16.05 6.24 0.96
CA ALA A 106 16.45 6.35 2.36
C ALA A 106 16.44 7.81 2.82
N LYS A 107 16.95 8.71 1.98
CA LYS A 107 16.95 10.13 2.31
C LYS A 107 15.53 10.66 2.49
N HIS A 108 14.63 10.34 1.55
CA HIS A 108 13.26 10.82 1.63
C HIS A 108 12.53 10.24 2.83
N TYR A 109 12.76 8.96 3.12
CA TYR A 109 12.12 8.34 4.28
C TYR A 109 12.59 8.99 5.57
N GLN A 110 13.89 9.22 5.69
CA GLN A 110 14.42 9.87 6.89
C GLN A 110 13.87 11.30 7.03
N ASP A 111 13.87 12.06 5.93
CA ASP A 111 13.47 13.45 5.99
C ASP A 111 11.96 13.62 6.20
N CYS A 112 11.14 12.69 5.70
CA CYS A 112 9.71 12.85 5.82
C CYS A 112 9.23 12.70 7.26
N MET A 113 10.05 12.16 8.15
CA MET A 113 9.67 12.07 9.56
C MET A 113 9.52 13.44 10.23
N GLU A 114 9.97 14.52 9.58
CA GLU A 114 9.72 15.86 10.09
C GLU A 114 8.32 16.35 9.79
N ASP A 115 7.52 15.58 9.06
CA ASP A 115 6.17 15.99 8.66
C ASP A 115 5.13 15.05 9.26
N MET A 116 5.28 14.68 10.53
CA MET A 116 4.42 13.67 11.14
C MET A 116 3.59 14.21 12.31
N ASP A 117 3.58 15.52 12.54
CA ASP A 117 2.84 16.05 13.68
C ASP A 117 1.34 15.77 13.53
N GLY A 118 0.78 15.12 14.54
CA GLY A 118 -0.63 14.81 14.51
C GLY A 118 -1.01 13.77 13.48
N ARG A 119 -0.04 13.03 12.92
CA ARG A 119 -0.32 12.04 11.89
C ARG A 119 -0.24 10.61 12.39
N ALA A 120 0.02 10.40 13.69
CA ALA A 120 0.07 9.07 14.30
C ALA A 120 1.00 8.11 13.56
N PRO A 121 2.28 8.47 13.42
CA PRO A 121 3.21 7.62 12.65
C PRO A 121 3.42 6.26 13.30
N GLY A 122 3.76 5.27 12.46
CA GLY A 122 3.96 3.92 12.94
C GLY A 122 5.31 3.73 13.59
N GLY A 123 5.37 2.73 14.47
CA GLY A 123 6.55 2.46 15.27
C GLY A 123 7.80 2.09 14.49
N ALA A 124 7.73 1.02 13.70
CA ALA A 124 8.89 0.61 12.92
C ALA A 124 9.27 1.67 11.90
N SER A 125 8.27 2.29 11.27
CA SER A 125 8.54 3.30 10.25
C SER A 125 9.38 4.44 10.82
N VAL A 126 8.95 5.01 11.95
N VAL A 126 8.95 5.01 11.94
CA VAL A 126 9.63 6.20 12.46
CA VAL A 126 9.66 6.19 12.45
C VAL A 126 10.97 5.87 13.08
C VAL A 126 11.01 5.81 13.00
N HIS A 127 11.05 4.76 13.83
CA HIS A 127 12.31 4.39 14.46
C HIS A 127 13.35 4.06 13.41
N ASN A 128 13.01 3.20 12.46
CA ASN A 128 14.02 2.80 11.50
C ASN A 128 14.35 3.88 10.50
N ALA A 129 13.39 4.71 10.10
CA ALA A 129 13.73 5.79 9.19
C ALA A 129 14.80 6.71 9.80
N MET A 130 14.71 6.94 11.11
CA MET A 130 15.71 7.78 11.74
C MET A 130 17.04 7.07 11.93
N GLN A 131 17.06 5.74 11.84
CA GLN A 131 18.29 4.96 11.95
C GLN A 131 19.10 4.96 10.65
N LEU A 132 18.46 5.25 9.51
CA LEU A 132 19.13 5.09 8.22
C LEU A 132 20.31 6.05 8.10
N LYS A 133 21.28 5.66 7.30
CA LYS A 133 22.45 6.49 7.04
C LYS A 133 22.62 6.61 5.53
N PRO A 134 21.77 7.39 4.86
CA PRO A 134 21.92 7.59 3.42
C PRO A 134 23.26 8.26 3.14
N GLY A 135 24.02 7.66 2.22
CA GLY A 135 25.38 8.08 1.91
C GLY A 135 26.43 7.07 2.30
N LYS A 136 26.14 6.22 3.29
CA LYS A 136 27.08 5.13 3.47
C LYS A 136 26.70 3.96 2.56
N PRO A 137 27.67 3.19 2.06
CA PRO A 137 27.32 2.00 1.28
C PRO A 137 26.49 1.05 2.11
N ASN A 138 25.36 0.61 1.57
CA ASN A 138 24.40 -0.22 2.30
C ASN A 138 23.92 0.45 3.59
N GLY A 139 24.00 1.78 3.68
CA GLY A 139 23.60 2.50 4.89
C GLY A 139 22.10 2.55 5.12
N TRP A 140 21.30 2.10 4.17
CA TRP A 140 19.86 1.98 4.33
C TRP A 140 19.45 0.56 4.69
N ARG A 141 20.39 -0.29 5.06
CA ARG A 141 20.07 -1.63 5.48
C ARG A 141 20.00 -1.69 7.00
N ILE A 142 19.04 -2.48 7.49
CA ILE A 142 18.80 -2.65 8.93
C ILE A 142 18.75 -4.14 9.21
N PRO A 143 18.92 -4.52 10.47
CA PRO A 143 18.87 -5.95 10.81
C PRO A 143 17.46 -6.50 10.74
N PHE A 144 17.39 -7.82 10.54
CA PHE A 144 16.11 -8.52 10.67
C PHE A 144 15.54 -8.26 12.06
N ASN A 145 14.21 -8.17 12.15
CA ASN A 145 13.56 -7.99 13.44
C ASN A 145 12.21 -8.68 13.44
N SER A 146 11.95 -9.47 14.49
CA SER A 146 10.73 -10.27 14.61
C SER A 146 9.47 -9.41 14.73
N HIS A 147 9.61 -8.14 15.06
CA HIS A 147 8.45 -7.28 15.29
C HIS A 147 8.28 -6.24 14.20
N GLU A 148 8.87 -6.45 13.04
CA GLU A 148 8.81 -5.52 11.92
C GLU A 148 7.85 -5.98 10.82
N GLY A 149 6.75 -6.62 11.22
CA GLY A 149 5.76 -7.08 10.28
C GLY A 149 4.59 -6.15 10.04
N GLY A 150 4.65 -4.92 10.53
CA GLY A 150 3.57 -3.97 10.34
C GLY A 150 3.39 -3.57 8.89
N CYS A 151 2.27 -2.87 8.64
CA CYS A 151 1.89 -2.45 7.31
C CYS A 151 2.60 -1.19 6.81
N GLY A 152 3.56 -0.64 7.57
CA GLY A 152 4.20 0.61 7.17
C GLY A 152 4.97 0.51 5.86
N ALA A 153 5.48 -0.67 5.52
CA ALA A 153 6.11 -0.83 4.20
C ALA A 153 5.09 -0.95 3.08
N ALA A 154 3.99 -1.68 3.32
CA ALA A 154 2.96 -1.86 2.31
C ALA A 154 2.28 -0.54 1.95
N MET A 155 2.06 0.31 2.95
CA MET A 155 1.24 1.51 2.76
C MET A 155 1.90 2.55 1.86
N ARG A 156 3.20 2.44 1.61
CA ARG A 156 3.96 3.45 0.88
C ARG A 156 4.56 2.92 -0.41
N ALA A 157 4.17 1.71 -0.85
CA ALA A 157 4.84 1.05 -1.94
C ALA A 157 4.09 1.09 -3.26
N MET A 158 2.83 1.55 -3.27
CA MET A 158 2.00 1.39 -4.47
C MET A 158 2.64 2.02 -5.69
N CYS A 159 3.17 3.22 -5.54
CA CYS A 159 3.74 3.93 -6.68
C CYS A 159 4.95 3.25 -7.30
N ILE A 160 5.54 2.25 -6.64
CA ILE A 160 6.58 1.45 -7.30
C ILE A 160 6.01 0.73 -8.51
N GLY A 161 4.76 0.27 -8.42
CA GLY A 161 4.07 -0.30 -9.56
C GLY A 161 3.68 0.71 -10.63
N LEU A 162 3.41 1.96 -10.23
CA LEU A 162 3.21 3.03 -11.22
C LEU A 162 4.49 3.28 -12.00
N ARG A 163 5.62 3.16 -11.33
CA ARG A 163 6.91 3.46 -11.96
C ARG A 163 7.39 2.31 -12.83
N PHE A 164 7.16 1.06 -12.41
CA PHE A 164 7.71 -0.11 -13.09
C PHE A 164 6.60 -1.09 -13.46
N PRO A 165 5.67 -0.70 -14.34
CA PRO A 165 4.53 -1.57 -14.64
C PRO A 165 4.76 -2.59 -15.73
N HIS A 166 5.87 -2.50 -16.47
CA HIS A 166 6.05 -3.36 -17.63
C HIS A 166 6.56 -4.74 -17.23
N HIS A 167 6.14 -5.75 -17.99
CA HIS A 167 6.57 -7.10 -17.69
C HIS A 167 8.08 -7.21 -17.64
N SER A 168 8.79 -6.51 -18.53
CA SER A 168 10.25 -6.55 -18.54
C SER A 168 10.84 -5.98 -17.26
N GLN A 169 10.07 -5.22 -16.48
CA GLN A 169 10.56 -4.60 -15.26
C GLN A 169 10.16 -5.36 -14.01
N LEU A 170 9.58 -6.56 -14.15
CA LEU A 170 9.06 -7.27 -12.98
C LEU A 170 10.13 -7.54 -11.94
N ASP A 171 11.33 -7.93 -12.37
CA ASP A 171 12.39 -8.17 -11.41
C ASP A 171 12.76 -6.89 -10.66
N THR A 172 12.76 -5.75 -11.35
CA THR A 172 12.99 -4.47 -10.68
C THR A 172 11.87 -4.14 -9.70
N LEU A 173 10.61 -4.36 -10.10
CA LEU A 173 9.51 -4.12 -9.18
C LEU A 173 9.67 -4.95 -7.91
N ILE A 174 10.05 -6.22 -8.06
CA ILE A 174 10.22 -7.09 -6.91
C ILE A 174 11.34 -6.57 -6.01
N GLN A 175 12.49 -6.27 -6.62
CA GLN A 175 13.65 -5.84 -5.84
C GLN A 175 13.41 -4.51 -5.14
N VAL A 176 12.84 -3.53 -5.86
CA VAL A 176 12.66 -2.20 -5.28
C VAL A 176 11.57 -2.22 -4.21
N SER A 177 10.48 -2.94 -4.44
N SER A 177 10.47 -2.93 -4.46
CA SER A 177 9.45 -3.01 -3.40
CA SER A 177 9.44 -3.07 -3.43
C SER A 177 9.98 -3.69 -2.15
C SER A 177 10.01 -3.66 -2.16
N ILE A 178 10.75 -4.77 -2.30
CA ILE A 178 11.31 -5.45 -1.14
C ILE A 178 12.29 -4.56 -0.41
N GLU A 179 13.23 -3.95 -1.14
CA GLU A 179 14.24 -3.13 -0.48
C GLU A 179 13.67 -1.85 0.10
N SER A 180 12.73 -1.19 -0.59
CA SER A 180 12.03 -0.06 0.03
C SER A 180 11.38 -0.50 1.33
N GLY A 181 10.79 -1.69 1.33
CA GLY A 181 10.13 -2.17 2.53
C GLY A 181 11.10 -2.45 3.64
N ARG A 182 12.20 -3.12 3.31
CA ARG A 182 13.24 -3.53 4.26
C ARG A 182 14.02 -2.37 4.87
N MET A 183 13.88 -1.15 4.34
CA MET A 183 14.52 -0.02 4.99
C MET A 183 13.91 0.25 6.35
N THR A 184 12.67 -0.14 6.59
CA THR A 184 12.08 -0.02 7.93
C THR A 184 11.45 -1.30 8.44
N HIS A 185 11.16 -2.28 7.59
CA HIS A 185 10.43 -3.48 7.97
C HIS A 185 11.19 -4.69 7.48
N HIS A 186 12.23 -5.07 8.22
CA HIS A 186 13.02 -6.24 7.83
C HIS A 186 12.43 -7.50 8.45
N HIS A 187 11.36 -7.95 7.83
CA HIS A 187 10.62 -9.15 8.20
C HIS A 187 9.74 -9.45 6.99
N PRO A 188 9.67 -10.70 6.52
CA PRO A 188 8.89 -10.96 5.30
C PRO A 188 7.43 -10.54 5.39
N THR A 189 6.79 -10.65 6.55
CA THR A 189 5.41 -10.19 6.62
C THR A 189 5.31 -8.71 6.29
N GLY A 190 6.30 -7.92 6.73
CA GLY A 190 6.37 -6.51 6.40
C GLY A 190 6.70 -6.25 4.94
N TYR A 191 7.84 -6.73 4.45
CA TYR A 191 8.25 -6.32 3.11
C TYR A 191 7.50 -7.04 2.00
N LEU A 192 6.94 -8.22 2.25
CA LEU A 192 6.12 -8.82 1.21
C LEU A 192 4.83 -8.06 1.03
N GLY A 193 4.39 -7.32 2.04
CA GLY A 193 3.26 -6.43 1.84
C GLY A 193 3.57 -5.30 0.89
N ALA A 194 4.82 -4.80 0.91
CA ALA A 194 5.25 -3.83 -0.08
C ALA A 194 5.23 -4.42 -1.48
N LEU A 195 5.65 -5.68 -1.62
CA LEU A 195 5.57 -6.35 -2.90
C LEU A 195 4.14 -6.44 -3.38
N ALA A 196 3.22 -6.85 -2.51
CA ALA A 196 1.82 -6.94 -2.92
C ALA A 196 1.27 -5.57 -3.34
N SER A 197 1.54 -4.53 -2.56
N SER A 197 1.58 -4.55 -2.56
CA SER A 197 1.04 -3.20 -2.89
CA SER A 197 1.11 -3.20 -2.81
C SER A 197 1.54 -2.75 -4.26
C SER A 197 1.56 -2.68 -4.18
N ALA A 198 2.84 -2.90 -4.51
CA ALA A 198 3.40 -2.46 -5.77
C ALA A 198 2.91 -3.32 -6.94
N LEU A 199 2.93 -4.63 -6.75
CA LEU A 199 2.55 -5.55 -7.82
C LEU A 199 1.11 -5.32 -8.26
N PHE A 200 0.18 -5.17 -7.30
CA PHE A 200 -1.22 -5.02 -7.68
C PHE A 200 -1.44 -3.69 -8.36
N THR A 201 -0.64 -2.67 -8.02
CA THR A 201 -0.73 -1.40 -8.74
C THR A 201 -0.33 -1.57 -10.19
N ALA A 202 0.76 -2.31 -10.44
CA ALA A 202 1.18 -2.61 -11.82
C ALA A 202 0.08 -3.38 -12.56
N TYR A 203 -0.52 -4.38 -11.91
CA TYR A 203 -1.63 -5.12 -12.51
C TYR A 203 -2.76 -4.18 -12.89
N ALA A 204 -3.11 -3.26 -11.99
CA ALA A 204 -4.17 -2.29 -12.27
C ALA A 204 -3.80 -1.38 -13.45
N VAL A 205 -2.56 -0.92 -13.51
CA VAL A 205 -2.09 -0.10 -14.64
C VAL A 205 -2.31 -0.83 -15.95
N ASN A 206 -2.10 -2.14 -15.95
CA ASN A 206 -2.17 -2.96 -17.14
C ASN A 206 -3.54 -3.55 -17.40
N SER A 207 -4.55 -3.11 -16.65
CA SER A 207 -5.92 -3.57 -16.82
C SER A 207 -6.08 -5.08 -16.59
N ARG A 208 -5.27 -5.66 -15.73
CA ARG A 208 -5.48 -7.07 -15.38
C ARG A 208 -6.68 -7.18 -14.46
N PRO A 209 -7.63 -8.08 -14.74
CA PRO A 209 -8.83 -8.21 -13.88
C PRO A 209 -8.46 -8.49 -12.43
N PRO A 210 -9.06 -7.78 -11.47
CA PRO A 210 -8.69 -7.98 -10.06
C PRO A 210 -8.78 -9.41 -9.58
N LEU A 211 -9.72 -10.23 -10.08
CA LEU A 211 -9.80 -11.60 -9.61
C LEU A 211 -8.54 -12.41 -9.91
N GLN A 212 -7.65 -11.93 -10.80
CA GLN A 212 -6.40 -12.62 -11.11
C GLN A 212 -5.24 -12.19 -10.22
N TRP A 213 -5.38 -11.11 -9.44
CA TRP A 213 -4.23 -10.51 -8.78
C TRP A 213 -3.62 -11.44 -7.73
N GLY A 214 -4.46 -12.03 -6.88
CA GLY A 214 -3.94 -12.86 -5.81
C GLY A 214 -3.10 -14.01 -6.32
N LYS A 215 -3.58 -14.68 -7.37
CA LYS A 215 -2.81 -15.75 -8.00
C LYS A 215 -1.46 -15.24 -8.49
N GLY A 216 -1.44 -14.03 -9.07
CA GLY A 216 -0.17 -13.45 -9.52
C GLY A 216 0.81 -13.27 -8.39
N LEU A 217 0.34 -12.78 -7.25
CA LEU A 217 1.20 -12.64 -6.08
C LEU A 217 1.74 -13.99 -5.64
N MET A 218 0.88 -15.01 -5.56
N MET A 218 0.87 -15.00 -5.56
CA MET A 218 1.33 -16.32 -5.12
CA MET A 218 1.31 -16.33 -5.13
C MET A 218 2.40 -16.89 -6.04
C MET A 218 2.40 -16.86 -6.04
N GLU A 219 2.25 -16.68 -7.35
CA GLU A 219 3.24 -17.18 -8.30
C GLU A 219 4.56 -16.45 -8.19
N LEU A 220 4.56 -15.21 -7.73
CA LEU A 220 5.79 -14.43 -7.66
C LEU A 220 6.50 -14.56 -6.32
N LEU A 221 5.87 -15.14 -5.30
CA LEU A 221 6.55 -15.29 -4.02
C LEU A 221 7.84 -16.08 -4.13
N PRO A 222 7.94 -17.15 -4.93
CA PRO A 222 9.24 -17.80 -5.07
C PRO A 222 10.32 -16.92 -5.69
N GLU A 223 9.94 -15.98 -6.56
CA GLU A 223 10.91 -15.04 -7.11
C GLU A 223 11.38 -14.06 -6.04
N ALA A 224 10.45 -13.64 -5.17
CA ALA A 224 10.84 -12.81 -4.04
C ALA A 224 11.81 -13.56 -3.13
N LYS A 225 11.53 -14.85 -2.86
CA LYS A 225 12.45 -15.61 -2.02
C LYS A 225 13.82 -15.73 -2.66
N LYS A 226 13.84 -15.97 -3.97
CA LYS A 226 15.10 -16.05 -4.70
C LYS A 226 15.92 -14.78 -4.51
N TYR A 227 15.26 -13.61 -4.57
CA TYR A 227 15.96 -12.35 -4.36
C TYR A 227 16.50 -12.24 -2.94
N ILE A 228 15.69 -12.59 -1.95
CA ILE A 228 16.11 -12.48 -0.55
C ILE A 228 17.30 -13.38 -0.27
N VAL A 229 17.27 -14.60 -0.81
CA VAL A 229 18.36 -15.55 -0.56
C VAL A 229 19.65 -15.01 -1.14
N GLN A 230 19.62 -14.63 -2.42
CA GLN A 230 20.84 -14.18 -3.07
C GLN A 230 21.34 -12.86 -2.49
N SER A 231 20.44 -12.00 -2.02
CA SER A 231 20.87 -10.77 -1.37
C SER A 231 21.79 -11.06 -0.19
N GLY A 232 21.48 -12.11 0.57
CA GLY A 232 22.40 -12.64 1.55
C GLY A 232 22.29 -12.09 2.94
N TYR A 233 21.35 -11.19 3.21
CA TYR A 233 21.19 -10.60 4.52
C TYR A 233 20.16 -11.39 5.34
N PHE A 234 20.60 -11.89 6.49
CA PHE A 234 19.73 -12.58 7.45
C PHE A 234 18.87 -13.64 6.78
N VAL A 235 19.50 -14.47 5.94
CA VAL A 235 18.73 -15.41 5.11
C VAL A 235 17.98 -16.40 5.98
N GLU A 236 18.64 -16.91 7.02
CA GLU A 236 18.02 -17.90 7.90
C GLU A 236 16.77 -17.35 8.56
N GLU A 237 16.86 -16.13 9.11
CA GLU A 237 15.71 -15.53 9.79
C GLU A 237 14.60 -15.22 8.80
N ASN A 238 14.94 -14.69 7.64
CA ASN A 238 13.92 -14.42 6.63
C ASN A 238 13.20 -15.70 6.23
N LEU A 239 13.95 -16.79 6.02
CA LEU A 239 13.30 -18.03 5.61
C LEU A 239 12.44 -18.61 6.73
N GLN A 240 12.90 -18.47 7.98
CA GLN A 240 12.15 -19.03 9.11
C GLN A 240 10.77 -18.38 9.25
N HIS A 241 10.61 -17.14 8.77
CA HIS A 241 9.39 -16.38 8.98
C HIS A 241 8.57 -16.26 7.71
N TRP A 242 9.00 -16.92 6.63
CA TRP A 242 8.39 -16.74 5.31
C TRP A 242 6.98 -17.29 5.25
N SER A 243 6.71 -18.39 5.95
CA SER A 243 5.48 -19.11 5.74
C SER A 243 4.24 -18.32 6.16
N TYR A 244 4.38 -17.39 7.11
CA TYR A 244 3.19 -16.70 7.62
C TYR A 244 2.46 -15.93 6.53
N PHE A 245 3.17 -15.06 5.81
CA PHE A 245 2.53 -14.27 4.75
C PHE A 245 1.93 -15.18 3.69
N GLN A 246 2.70 -16.18 3.25
CA GLN A 246 2.23 -17.05 2.18
C GLN A 246 1.00 -17.83 2.60
N THR A 247 1.00 -18.36 3.82
CA THR A 247 -0.14 -19.17 4.28
C THR A 247 -1.39 -18.32 4.46
N LYS A 248 -1.23 -17.13 5.04
CA LYS A 248 -2.38 -16.25 5.22
C LYS A 248 -3.02 -15.89 3.88
N TRP A 249 -2.20 -15.59 2.87
CA TRP A 249 -2.73 -15.27 1.56
C TRP A 249 -3.36 -16.50 0.89
N GLU A 250 -2.71 -17.66 0.97
CA GLU A 250 -3.28 -18.88 0.40
C GLU A 250 -4.65 -19.14 0.99
N ASN A 251 -4.78 -19.05 2.31
CA ASN A 251 -6.04 -19.35 2.96
C ASN A 251 -7.12 -18.35 2.59
N TYR A 252 -6.75 -17.06 2.51
CA TYR A 252 -7.72 -16.03 2.09
C TYR A 252 -8.20 -16.29 0.67
N LEU A 253 -7.27 -16.59 -0.24
CA LEU A 253 -7.67 -16.81 -1.63
C LEU A 253 -8.54 -18.05 -1.75
N LYS A 254 -8.23 -19.09 -0.99
CA LYS A 254 -9.08 -20.29 -0.99
C LYS A 254 -10.47 -19.97 -0.47
N LEU A 255 -10.56 -19.18 0.61
CA LEU A 255 -11.86 -18.82 1.16
C LEU A 255 -12.72 -18.11 0.13
N ARG A 256 -12.14 -17.19 -0.64
CA ARG A 256 -12.84 -16.42 -1.66
C ARG A 256 -13.02 -17.18 -2.96
N GLY A 257 -12.36 -18.34 -3.10
CA GLY A 257 -12.49 -19.15 -4.29
C GLY A 257 -11.68 -18.67 -5.48
N ILE A 258 -10.61 -17.90 -5.24
CA ILE A 258 -9.85 -17.25 -6.29
C ILE A 258 -8.36 -17.66 -6.27
N LEU A 259 -8.03 -18.79 -5.65
CA LEU A 259 -6.62 -19.16 -5.52
C LEU A 259 -5.92 -19.24 -6.87
N ASP A 260 -6.61 -19.76 -7.89
CA ASP A 260 -5.98 -19.94 -9.20
C ASP A 260 -6.27 -18.81 -10.17
N GLY A 261 -6.97 -17.76 -9.74
CA GLY A 261 -7.17 -16.63 -10.61
C GLY A 261 -8.15 -16.84 -11.74
N GLU A 262 -8.99 -17.87 -11.66
CA GLU A 262 -9.88 -18.23 -12.76
C GLU A 262 -11.34 -18.36 -12.30
N SER A 263 -11.75 -17.55 -11.33
CA SER A 263 -13.13 -17.61 -10.86
C SER A 263 -13.51 -16.26 -10.27
N ALA A 264 -14.75 -15.84 -10.46
CA ALA A 264 -15.24 -14.68 -9.73
C ALA A 264 -15.23 -14.98 -8.24
N PRO A 265 -14.91 -14.00 -7.40
CA PRO A 265 -14.89 -14.25 -5.94
C PRO A 265 -16.29 -14.49 -5.38
N THR A 266 -16.33 -15.28 -4.30
CA THR A 266 -17.54 -15.56 -3.55
C THR A 266 -17.40 -14.94 -2.17
N PHE A 267 -18.38 -14.14 -1.78
CA PHE A 267 -18.37 -13.50 -0.47
C PHE A 267 -19.36 -14.18 0.47
N PRO A 268 -19.19 -14.03 1.78
CA PRO A 268 -20.13 -14.66 2.72
C PRO A 268 -21.52 -14.07 2.58
N GLU A 269 -22.51 -14.89 2.93
CA GLU A 269 -23.90 -14.43 2.86
C GLU A 269 -24.15 -13.26 3.80
N SER A 270 -23.59 -13.30 5.00
CA SER A 270 -23.73 -12.22 5.97
C SER A 270 -22.40 -11.49 6.00
N PHE A 271 -22.36 -10.30 5.43
CA PHE A 271 -21.10 -9.58 5.32
C PHE A 271 -21.32 -8.07 5.46
N GLY A 272 -22.13 -7.71 6.46
CA GLY A 272 -22.33 -6.32 6.81
C GLY A 272 -21.19 -5.79 7.66
N VAL A 273 -21.40 -4.58 8.17
CA VAL A 273 -20.32 -3.85 8.83
C VAL A 273 -19.72 -4.66 9.99
N LYS A 274 -20.59 -5.18 10.86
CA LYS A 274 -20.11 -5.93 12.02
C LYS A 274 -19.38 -7.20 11.59
N GLU A 275 -19.93 -7.91 10.61
CA GLU A 275 -19.31 -9.15 10.16
C GLU A 275 -17.95 -8.87 9.53
N ARG A 276 -17.81 -7.74 8.83
CA ARG A 276 -16.52 -7.40 8.25
C ARG A 276 -15.49 -7.08 9.33
N ASP A 277 -15.90 -6.35 10.38
CA ASP A 277 -14.98 -6.11 11.50
C ASP A 277 -14.47 -7.43 12.08
N GLN A 278 -15.38 -8.40 12.26
CA GLN A 278 -14.98 -9.69 12.81
C GLN A 278 -14.04 -10.41 11.86
N PHE A 279 -14.33 -10.35 10.56
CA PHE A 279 -13.45 -11.00 9.58
C PHE A 279 -12.08 -10.35 9.57
N TYR A 280 -12.03 -9.01 9.61
CA TYR A 280 -10.73 -8.34 9.56
C TYR A 280 -9.91 -8.68 10.81
N THR A 281 -10.58 -8.82 11.96
CA THR A 281 -9.86 -9.27 13.14
C THR A 281 -9.31 -10.67 12.94
N SER A 282 -10.08 -11.55 12.29
CA SER A 282 -9.60 -12.90 12.04
C SER A 282 -8.37 -12.92 11.13
N LEU A 283 -8.29 -11.98 10.18
CA LEU A 283 -7.13 -11.92 9.29
C LEU A 283 -5.90 -11.39 10.00
N SER A 284 -6.09 -10.65 11.08
CA SER A 284 -5.02 -9.86 11.67
C SER A 284 -3.98 -10.76 12.35
N TYR A 285 -2.80 -10.18 12.55
CA TYR A 285 -1.74 -10.88 13.26
C TYR A 285 -2.02 -10.96 14.76
N SER A 286 -2.46 -9.87 15.36
CA SER A 286 -2.56 -9.79 16.81
C SER A 286 -3.80 -9.08 17.28
N GLY A 287 -4.77 -8.83 16.40
CA GLY A 287 -6.07 -8.29 16.79
C GLY A 287 -6.46 -7.00 16.10
N TRP A 288 -5.56 -6.32 15.39
CA TRP A 288 -5.88 -5.04 14.77
C TRP A 288 -5.87 -5.22 13.25
N GLY A 289 -7.06 -5.43 12.68
CA GLY A 289 -7.18 -5.79 11.28
C GLY A 289 -6.66 -4.72 10.33
N GLY A 290 -5.77 -5.13 9.44
CA GLY A 290 -5.19 -4.22 8.47
C GLY A 290 -3.89 -3.57 8.89
N SER A 291 -3.36 -3.94 10.05
CA SER A 291 -2.19 -3.24 10.58
C SER A 291 -0.86 -3.89 10.21
N SER A 292 -0.89 -4.99 9.47
CA SER A 292 0.31 -5.72 9.13
C SER A 292 0.52 -5.76 7.62
N GLY A 293 1.72 -6.20 7.23
CA GLY A 293 2.02 -6.31 5.81
C GLY A 293 1.18 -7.30 5.06
N HIS A 294 0.71 -8.36 5.71
CA HIS A 294 -0.12 -9.33 4.99
C HIS A 294 -1.56 -8.85 4.86
N ASP A 295 -2.12 -8.21 5.90
CA ASP A 295 -3.56 -7.96 5.91
C ASP A 295 -3.95 -6.57 5.45
N ALA A 296 -3.06 -5.57 5.47
CA ALA A 296 -3.41 -4.29 4.87
C ALA A 296 -3.72 -4.42 3.39
N PRO A 297 -2.86 -5.01 2.56
CA PRO A 297 -3.24 -5.19 1.15
C PRO A 297 -4.36 -6.19 0.98
N MET A 298 -4.50 -7.16 1.89
CA MET A 298 -5.53 -8.17 1.76
C MET A 298 -6.91 -7.55 1.93
N ILE A 299 -7.09 -6.71 2.94
CA ILE A 299 -8.37 -6.06 3.14
C ILE A 299 -8.67 -5.06 2.01
N ALA A 300 -7.65 -4.32 1.57
CA ALA A 300 -7.82 -3.45 0.41
C ALA A 300 -8.24 -4.25 -0.81
N TYR A 301 -7.65 -5.44 -1.00
CA TYR A 301 -7.98 -6.27 -2.16
C TYR A 301 -9.40 -6.82 -2.06
N ASP A 302 -9.80 -7.25 -0.86
CA ASP A 302 -11.16 -7.73 -0.64
C ASP A 302 -12.17 -6.64 -0.99
N ALA A 303 -11.86 -5.38 -0.62
CA ALA A 303 -12.72 -4.24 -0.95
C ALA A 303 -12.78 -4.01 -2.45
N VAL A 304 -11.64 -4.02 -3.13
CA VAL A 304 -11.61 -3.86 -4.59
C VAL A 304 -12.45 -4.93 -5.26
N LEU A 305 -12.32 -6.18 -4.82
CA LEU A 305 -13.02 -7.28 -5.47
C LEU A 305 -14.52 -7.10 -5.37
N ALA A 306 -15.00 -6.59 -4.24
CA ALA A 306 -16.44 -6.42 -4.04
C ALA A 306 -16.97 -5.16 -4.71
N ALA A 307 -16.16 -4.09 -4.77
CA ALA A 307 -16.71 -2.77 -5.07
C ALA A 307 -16.86 -2.51 -6.56
N GLY A 308 -16.08 -3.18 -7.41
CA GLY A 308 -16.12 -2.82 -8.82
C GLY A 308 -15.90 -1.34 -9.00
N ASP A 309 -16.75 -0.72 -9.81
CA ASP A 309 -16.60 0.71 -10.14
C ASP A 309 -17.22 1.65 -9.10
N SER A 310 -17.57 1.16 -7.91
CA SER A 310 -18.25 1.95 -6.89
C SER A 310 -17.25 2.44 -5.83
N TRP A 311 -16.92 3.74 -5.90
CA TRP A 311 -16.10 4.37 -4.86
C TRP A 311 -16.78 4.27 -3.49
N LYS A 312 -18.09 4.47 -3.44
CA LYS A 312 -18.79 4.37 -2.16
C LYS A 312 -18.65 2.98 -1.54
N GLU A 313 -18.81 1.93 -2.33
CA GLU A 313 -18.64 0.60 -1.77
C GLU A 313 -17.20 0.35 -1.35
N LEU A 314 -16.24 0.79 -2.17
CA LEU A 314 -14.84 0.69 -1.77
C LEU A 314 -14.61 1.34 -0.42
N ALA A 315 -15.14 2.53 -0.22
CA ALA A 315 -14.95 3.25 1.03
C ALA A 315 -15.61 2.52 2.21
N HIS A 316 -16.84 2.03 2.01
CA HIS A 316 -17.53 1.34 3.08
C HIS A 316 -16.76 0.12 3.56
N ARG A 317 -16.01 -0.53 2.66
CA ARG A 317 -15.31 -1.75 3.03
C ARG A 317 -13.86 -1.51 3.44
N ALA A 318 -13.18 -0.53 2.84
CA ALA A 318 -11.75 -0.35 3.09
C ALA A 318 -11.43 0.89 3.90
N PHE A 319 -12.32 1.87 3.98
CA PHE A 319 -12.00 3.10 4.69
C PHE A 319 -12.65 3.15 6.06
N PHE A 320 -13.81 2.52 6.20
CA PHE A 320 -14.66 2.71 7.36
C PHE A 320 -14.89 1.34 7.99
N HIS A 321 -13.95 0.94 8.84
CA HIS A 321 -14.03 -0.30 9.60
C HIS A 321 -13.25 -0.04 10.88
N GLY A 322 -13.38 -0.97 11.84
CA GLY A 322 -12.78 -0.79 13.14
C GLY A 322 -11.30 -1.08 13.27
N GLY A 323 -10.63 -1.50 12.21
CA GLY A 323 -9.21 -1.80 12.26
C GLY A 323 -8.33 -0.62 11.90
N ASP A 324 -7.22 -0.93 11.26
CA ASP A 324 -6.25 0.09 10.82
C ASP A 324 -6.75 0.64 9.49
N SER A 325 -7.72 1.54 9.56
CA SER A 325 -8.51 1.92 8.40
C SER A 325 -7.79 2.90 7.49
N ASP A 326 -6.91 3.76 8.00
CA ASP A 326 -6.19 4.66 7.10
C ASP A 326 -5.26 3.89 6.16
N SER A 327 -4.67 2.79 6.63
CA SER A 327 -3.74 2.04 5.81
C SER A 327 -4.44 1.19 4.76
N THR A 328 -5.53 0.51 5.12
CA THR A 328 -6.27 -0.20 4.09
C THR A 328 -6.86 0.77 3.08
N ALA A 329 -7.25 1.95 3.53
CA ALA A 329 -7.80 2.97 2.63
C ALA A 329 -6.75 3.50 1.66
N ALA A 330 -5.53 3.76 2.15
CA ALA A 330 -4.51 4.31 1.27
C ALA A 330 -4.17 3.34 0.15
N ILE A 331 -4.13 2.06 0.46
CA ILE A 331 -3.81 1.05 -0.55
C ILE A 331 -4.97 0.91 -1.53
N ALA A 332 -6.18 0.74 -1.00
CA ALA A 332 -7.35 0.53 -1.84
C ALA A 332 -7.61 1.72 -2.75
N GLY A 333 -7.46 2.94 -2.22
CA GLY A 333 -7.71 4.13 -3.02
C GLY A 333 -6.77 4.26 -4.19
N CYS A 334 -5.51 3.85 -4.01
CA CYS A 334 -4.54 3.87 -5.09
C CYS A 334 -4.95 2.92 -6.21
N TRP A 335 -5.16 1.65 -5.86
CA TRP A 335 -5.54 0.65 -6.86
C TRP A 335 -6.82 1.05 -7.58
N TRP A 336 -7.82 1.49 -6.83
CA TRP A 336 -9.10 1.86 -7.43
C TRP A 336 -8.94 3.06 -8.36
N GLY A 337 -8.19 4.08 -7.92
CA GLY A 337 -8.00 5.25 -8.77
C GLY A 337 -7.32 4.92 -10.09
N VAL A 338 -6.33 4.01 -10.08
CA VAL A 338 -5.67 3.58 -11.31
C VAL A 338 -6.69 3.01 -12.29
N MET A 339 -7.65 2.27 -11.77
CA MET A 339 -8.60 1.57 -12.63
C MET A 339 -9.74 2.49 -13.08
N TYR A 340 -10.23 3.36 -12.21
CA TYR A 340 -11.48 4.06 -12.50
C TYR A 340 -11.34 5.57 -12.57
N GLY A 341 -10.18 6.12 -12.27
CA GLY A 341 -10.06 7.58 -12.28
C GLY A 341 -10.89 8.20 -11.18
N PHE A 342 -11.51 9.33 -11.51
CA PHE A 342 -12.35 10.06 -10.56
C PHE A 342 -13.83 9.81 -10.80
N LYS A 343 -14.18 8.82 -11.61
CA LYS A 343 -15.57 8.64 -12.02
C LYS A 343 -16.42 8.21 -10.82
N GLY A 344 -17.45 8.98 -10.52
CA GLY A 344 -18.32 8.65 -9.40
C GLY A 344 -17.80 9.06 -8.04
N VAL A 345 -16.72 9.83 -7.99
CA VAL A 345 -16.17 10.34 -6.73
C VAL A 345 -16.66 11.76 -6.52
N SER A 346 -17.29 12.02 -5.37
CA SER A 346 -17.75 13.36 -5.08
C SER A 346 -16.55 14.30 -5.00
N PRO A 347 -16.58 15.44 -5.70
CA PRO A 347 -15.41 16.34 -5.68
C PRO A 347 -14.99 16.77 -4.29
N SER A 348 -15.92 16.89 -3.33
CA SER A 348 -15.49 17.32 -2.01
C SER A 348 -14.61 16.30 -1.32
N ASN A 349 -14.62 15.04 -1.78
CA ASN A 349 -13.72 14.02 -1.23
C ASN A 349 -12.25 14.27 -1.60
N TYR A 350 -11.93 15.18 -2.52
CA TYR A 350 -10.53 15.40 -2.87
C TYR A 350 -10.16 16.84 -3.24
N GLU A 351 -11.12 17.72 -3.54
CA GLU A 351 -10.76 19.00 -4.15
C GLU A 351 -9.83 19.84 -3.28
N LYS A 352 -10.05 19.84 -1.96
CA LYS A 352 -9.23 20.62 -1.04
C LYS A 352 -8.33 19.74 -0.19
N LEU A 353 -8.02 18.54 -0.68
CA LEU A 353 -7.20 17.61 0.07
C LEU A 353 -5.80 18.17 0.28
N GLU A 354 -5.27 17.97 1.50
CA GLU A 354 -3.89 18.34 1.80
C GLU A 354 -2.95 17.72 0.77
N TYR A 355 -2.03 18.54 0.26
CA TYR A 355 -0.99 18.11 -0.69
C TYR A 355 -1.54 17.76 -2.07
N ARG A 356 -2.78 18.13 -2.40
CA ARG A 356 -3.34 17.77 -3.69
C ARG A 356 -2.43 18.17 -4.85
N ASN A 357 -1.89 19.39 -4.83
CA ASN A 357 -1.06 19.83 -5.94
C ASN A 357 0.22 19.01 -6.06
N ARG A 358 0.88 18.74 -4.93
CA ARG A 358 2.06 17.90 -4.95
C ARG A 358 1.73 16.50 -5.44
N LEU A 359 0.59 15.95 -5.01
CA LEU A 359 0.22 14.61 -5.43
C LEU A 359 0.00 14.54 -6.93
N GLU A 360 -0.68 15.56 -7.49
CA GLU A 360 -0.95 15.57 -8.93
C GLU A 360 0.33 15.74 -9.73
N GLU A 361 1.21 16.66 -9.30
CA GLU A 361 2.45 16.88 -10.05
C GLU A 361 3.35 15.65 -9.99
N THR A 362 3.44 15.03 -8.83
CA THR A 362 4.25 13.82 -8.72
C THR A 362 3.66 12.68 -9.55
N ALA A 363 2.34 12.55 -9.55
CA ALA A 363 1.69 11.53 -10.38
C ALA A 363 2.02 11.74 -11.86
N ARG A 364 1.98 12.99 -12.32
CA ARG A 364 2.25 13.23 -13.73
C ARG A 364 3.69 12.91 -14.07
N ALA A 365 4.60 13.22 -13.15
CA ALA A 365 6.00 12.87 -13.37
C ALA A 365 6.22 11.37 -13.34
N LEU A 366 5.52 10.66 -12.45
CA LEU A 366 5.59 9.20 -12.44
C LEU A 366 5.05 8.62 -13.73
N TYR A 367 3.97 9.21 -14.26
CA TYR A 367 3.42 8.71 -15.51
C TYR A 367 4.43 8.86 -16.65
N SER A 368 5.11 9.99 -16.72
CA SER A 368 6.10 10.18 -17.79
C SER A 368 7.19 9.12 -17.73
N LEU A 369 7.53 8.65 -16.52
CA LEU A 369 8.54 7.60 -16.39
C LEU A 369 7.94 6.22 -16.61
N GLY A 370 6.84 5.91 -15.91
CA GLY A 370 6.31 4.56 -15.93
C GLY A 370 5.78 4.15 -17.27
N SER A 371 5.24 5.09 -18.03
CA SER A 371 4.66 4.78 -19.33
C SER A 371 5.73 4.58 -20.40
N LYS A 372 6.98 4.85 -20.09
CA LYS A 372 8.08 4.78 -21.05
C LYS A 372 9.05 3.70 -20.58
N GLU A 373 8.87 2.51 -21.14
CA GLU A 373 9.57 1.33 -20.68
C GLU A 373 11.07 1.53 -20.75
N ASP A 374 11.75 1.31 -19.62
CA ASP A 374 13.18 1.51 -19.54
C ASP A 374 13.80 0.37 -18.71
N THR A 375 15.12 0.29 -18.73
CA THR A 375 15.85 -0.74 -17.99
C THR A 375 16.70 -0.10 -16.90
N VAL A 376 16.70 -0.73 -15.73
CA VAL A 376 17.39 -0.27 -14.54
C VAL A 376 18.77 -0.92 -14.46
N ILE A 377 19.73 -0.21 -13.85
CA ILE A 377 21.02 -0.81 -13.51
C ILE A 377 20.89 -1.38 -12.10
N SER A 378 20.87 -2.71 -11.99
N SER A 378 20.86 -2.72 -11.99
CA SER A 378 20.67 -3.37 -10.72
CA SER A 378 20.66 -3.37 -10.72
C SER A 378 21.91 -3.25 -9.84
C SER A 378 21.91 -3.25 -9.84
N LEU A 379 21.77 -3.70 -8.59
CA LEU A 379 22.87 -3.70 -7.64
C LEU A 379 23.95 -4.67 -8.09
#